data_6FLK
#
_entry.id   6FLK
#
_cell.length_a   32.400
_cell.length_b   40.954
_cell.length_c   69.132
_cell.angle_alpha   102.47
_cell.angle_beta   98.07
_cell.angle_gamma   89.92
#
_symmetry.space_group_name_H-M   'P 1'
#
loop_
_entity.id
_entity.type
_entity.pdbx_description
1 polymer Cep120
2 water water
#
_entity_poly.entity_id   1
_entity_poly.type   'polypeptide(L)'
_entity_poly.pdbx_seq_one_letter_code
;GPTSHHFCFSIDLRSIHALEIGFPINCILRYSYPFFGSAAPIMTNPPVEVRKNMEVFLPQSYCAFDFATMPHQLQDTFLR
IPLLVELWHKDKMSKDLLLGIARIQLSNILSSEKTRFLGSNGEQCWRQTYSESVPVIAAQGSNNRIADLSYTVTLEDYGL
VKM
;
_entity_poly.pdbx_strand_id   A,B
#
# COMPACT_ATOMS: atom_id res chain seq x y z
N PRO A 2 -20.79 5.78 -7.84
CA PRO A 2 -21.26 7.04 -8.43
C PRO A 2 -20.26 8.17 -8.37
N THR A 3 -19.37 8.20 -7.39
CA THR A 3 -18.34 9.20 -7.41
C THR A 3 -16.94 8.72 -7.83
N SER A 4 -16.68 7.42 -8.19
CA SER A 4 -15.39 6.88 -8.59
C SER A 4 -15.00 7.40 -9.92
N HIS A 5 -13.70 7.70 -10.23
CA HIS A 5 -13.14 8.20 -11.47
C HIS A 5 -12.36 7.08 -12.11
N HIS A 6 -12.20 7.19 -13.43
CA HIS A 6 -11.33 6.32 -14.20
C HIS A 6 -9.97 7.00 -14.37
N PHE A 7 -8.84 6.41 -13.95
CA PHE A 7 -7.61 6.99 -14.02
C PHE A 7 -6.73 6.09 -14.78
N CYS A 8 -5.62 6.59 -15.41
CA CYS A 8 -4.49 5.84 -15.93
C CYS A 8 -3.25 6.50 -15.37
N PHE A 9 -2.42 5.71 -14.70
CA PHE A 9 -1.15 6.16 -14.14
C PHE A 9 -0.04 5.38 -14.82
N SER A 10 1.06 6.05 -15.11
CA SER A 10 2.24 5.36 -15.59
C SER A 10 3.50 5.82 -14.89
N ILE A 11 4.44 4.89 -14.80
CA ILE A 11 5.77 5.20 -14.29
C ILE A 11 6.79 4.71 -15.31
N ASP A 12 7.89 5.49 -15.62
CA ASP A 12 8.95 5.13 -16.45
C ASP A 12 10.20 5.32 -15.61
N LEU A 13 10.94 4.28 -15.16
CA LEU A 13 12.15 4.36 -14.41
C LEU A 13 13.18 4.47 -15.51
N ARG A 14 13.37 5.67 -16.02
CA ARG A 14 14.21 5.85 -17.18
C ARG A 14 15.68 5.46 -17.09
N SER A 15 16.33 5.88 -16.02
CA SER A 15 17.74 5.57 -15.94
C SER A 15 18.24 5.51 -14.51
N ILE A 16 19.45 4.98 -14.29
CA ILE A 16 20.01 4.82 -13.02
C ILE A 16 21.39 5.29 -13.29
N HIS A 17 22.01 6.20 -12.47
CA HIS A 17 23.34 6.72 -12.56
C HIS A 17 24.02 6.20 -11.33
N ALA A 18 24.76 5.02 -11.33
CA ALA A 18 25.43 4.35 -10.23
C ALA A 18 26.48 5.21 -9.77
N LEU A 19 26.85 5.26 -8.44
CA LEU A 19 27.79 6.19 -7.82
C LEU A 19 28.78 5.45 -6.94
N GLU A 20 28.29 4.69 -5.97
CA GLU A 20 29.14 4.10 -4.97
C GLU A 20 28.74 2.65 -4.73
N ILE A 21 28.36 1.91 -5.78
CA ILE A 21 28.11 0.50 -5.62
C ILE A 21 29.55 0.04 -5.79
N GLY A 22 30.08 -0.97 -5.00
CA GLY A 22 31.46 -1.40 -4.96
C GLY A 22 31.92 -2.16 -6.18
N PHE A 23 31.00 -2.61 -7.02
CA PHE A 23 31.34 -3.57 -8.05
C PHE A 23 30.34 -3.46 -9.20
N PRO A 24 30.66 -3.94 -10.45
CA PRO A 24 29.74 -3.83 -11.56
C PRO A 24 28.60 -4.76 -11.33
N ILE A 25 27.33 -4.44 -11.68
CA ILE A 25 26.24 -5.31 -11.42
C ILE A 25 25.40 -5.55 -12.64
N ASN A 26 24.67 -6.65 -12.63
CA ASN A 26 23.73 -7.01 -13.65
C ASN A 26 22.48 -6.50 -12.97
N CYS A 27 21.99 -5.38 -13.43
CA CYS A 27 20.95 -4.67 -12.73
C CYS A 27 19.50 -4.78 -13.18
N ILE A 28 18.58 -4.98 -12.23
CA ILE A 28 17.18 -4.86 -12.55
C ILE A 28 16.58 -4.01 -11.43
N LEU A 29 15.57 -3.23 -11.76
CA LEU A 29 14.87 -2.44 -10.77
C LEU A 29 13.58 -3.13 -10.63
N ARG A 30 12.89 -3.25 -9.44
CA ARG A 30 11.71 -4.02 -9.25
C ARG A 30 10.84 -3.23 -8.34
N TYR A 31 9.45 -3.21 -8.45
CA TYR A 31 8.50 -2.51 -7.58
C TYR A 31 7.09 -3.10 -7.64
N SER A 32 6.36 -2.88 -6.56
CA SER A 32 4.98 -3.23 -6.47
C SER A 32 4.30 -1.98 -5.97
N TYR A 33 2.99 -1.76 -6.28
CA TYR A 33 2.10 -0.73 -5.75
C TYR A 33 0.69 -1.28 -5.84
N PRO A 34 0.29 -2.23 -4.90
CA PRO A 34 -1.01 -2.89 -4.94
C PRO A 34 -2.19 -2.00 -4.95
N PHE A 35 -2.12 -0.73 -4.57
CA PHE A 35 -3.29 0.09 -4.75
C PHE A 35 -3.84 0.10 -6.16
N PHE A 36 -3.02 -0.12 -7.29
CA PHE A 36 -3.48 -0.17 -8.67
C PHE A 36 -4.02 -1.54 -9.07
N GLY A 37 -3.95 -2.51 -8.17
CA GLY A 37 -4.30 -3.89 -8.49
C GLY A 37 -3.24 -4.88 -8.05
N SER A 38 -3.55 -5.99 -7.30
CA SER A 38 -2.63 -6.88 -6.74
C SER A 38 -1.92 -7.47 -7.87
N ALA A 39 -0.58 -7.60 -7.83
CA ALA A 39 0.25 -8.19 -8.89
C ALA A 39 1.60 -8.58 -8.32
N ALA A 40 2.22 -9.58 -8.94
CA ALA A 40 3.62 -9.85 -8.67
C ALA A 40 4.44 -8.62 -9.03
N PRO A 41 5.68 -8.43 -8.44
CA PRO A 41 6.46 -7.24 -8.71
C PRO A 41 6.74 -7.04 -10.17
N ILE A 42 6.73 -5.79 -10.59
CA ILE A 42 6.98 -5.39 -11.94
C ILE A 42 8.45 -5.12 -12.04
N MET A 43 9.10 -5.63 -13.07
CA MET A 43 10.51 -5.47 -13.17
C MET A 43 10.98 -5.00 -14.53
N THR A 44 12.16 -4.33 -14.62
CA THR A 44 12.77 -3.95 -15.86
C THR A 44 13.38 -5.24 -16.28
N ASN A 45 13.75 -5.49 -17.60
CA ASN A 45 14.23 -6.73 -18.14
C ASN A 45 14.78 -6.45 -19.55
N PRO A 46 15.88 -7.08 -19.95
CA PRO A 46 16.83 -7.94 -19.21
C PRO A 46 17.63 -7.15 -18.17
N PRO A 47 18.39 -7.88 -17.33
CA PRO A 47 19.32 -7.16 -16.47
C PRO A 47 20.34 -6.45 -17.36
N VAL A 48 20.78 -5.28 -16.94
CA VAL A 48 21.73 -4.55 -17.72
C VAL A 48 22.95 -4.21 -16.88
N GLU A 49 24.13 -4.19 -17.50
CA GLU A 49 25.31 -3.90 -16.76
C GLU A 49 25.34 -2.43 -16.36
N VAL A 50 25.69 -2.16 -15.11
CA VAL A 50 25.79 -0.81 -14.66
C VAL A 50 27.11 -0.79 -13.98
N ARG A 51 28.08 0.15 -14.27
CA ARG A 51 29.40 0.32 -13.67
C ARG A 51 29.48 1.67 -13.05
N LYS A 52 30.50 1.90 -12.19
CA LYS A 52 30.67 3.11 -11.41
C LYS A 52 30.65 4.33 -12.32
N ASN A 53 29.85 5.32 -11.95
CA ASN A 53 29.94 6.66 -12.52
C ASN A 53 29.54 6.69 -13.99
N MET A 54 28.55 5.90 -14.42
CA MET A 54 28.05 5.93 -15.79
C MET A 54 26.53 5.87 -15.62
N GLU A 55 25.69 6.48 -16.54
CA GLU A 55 24.27 6.60 -16.54
C GLU A 55 23.87 5.53 -17.47
N VAL A 56 22.95 4.57 -17.16
CA VAL A 56 22.50 3.47 -17.97
C VAL A 56 20.97 3.58 -18.09
N PHE A 57 20.43 3.44 -19.28
CA PHE A 57 19.01 3.54 -19.51
C PHE A 57 18.43 2.15 -19.35
N LEU A 58 17.31 1.90 -18.62
CA LEU A 58 16.82 0.61 -18.34
C LEU A 58 15.84 0.11 -19.35
N PRO A 59 16.02 -1.13 -19.77
CA PRO A 59 15.08 -1.67 -20.75
C PRO A 59 13.81 -2.12 -20.06
N GLN A 60 12.71 -2.10 -20.78
CA GLN A 60 11.41 -2.46 -20.21
C GLN A 60 11.17 -1.72 -18.88
N SER A 61 11.46 -0.44 -18.88
CA SER A 61 11.30 0.35 -17.72
C SER A 61 10.00 1.10 -17.57
N TYR A 62 8.96 1.05 -18.50
CA TYR A 62 7.69 1.77 -18.51
C TYR A 62 6.55 0.82 -18.19
N CYS A 63 5.61 1.26 -17.34
CA CYS A 63 4.39 0.51 -17.12
C CYS A 63 3.24 1.45 -16.81
N ALA A 64 2.10 1.14 -17.38
CA ALA A 64 0.88 1.88 -17.16
C ALA A 64 -0.10 1.01 -16.40
N PHE A 65 -1.03 1.69 -15.73
CA PHE A 65 -1.95 1.07 -14.79
C PHE A 65 -3.28 1.76 -14.96
N ASP A 66 -4.29 0.98 -15.31
CA ASP A 66 -5.65 1.46 -15.53
C ASP A 66 -6.52 1.00 -14.36
N PHE A 67 -7.23 1.95 -13.72
CA PHE A 67 -7.97 1.58 -12.54
C PHE A 67 -9.05 2.62 -12.27
N ALA A 68 -10.02 2.24 -11.46
CA ALA A 68 -11.10 3.16 -11.07
C ALA A 68 -11.13 3.26 -9.56
N THR A 69 -11.21 4.48 -9.04
CA THR A 69 -11.24 4.67 -7.60
C THR A 69 -11.74 6.08 -7.32
N MET A 70 -12.09 6.41 -6.06
CA MET A 70 -12.56 7.70 -5.70
C MET A 70 -11.32 8.56 -5.64
N PRO A 71 -11.42 9.80 -6.11
CA PRO A 71 -10.28 10.70 -6.08
C PRO A 71 -9.62 10.81 -4.69
N HIS A 72 -10.39 10.90 -3.63
CA HIS A 72 -9.78 10.94 -2.32
C HIS A 72 -8.98 9.69 -2.04
N GLN A 73 -9.40 8.49 -2.46
CA GLN A 73 -8.58 7.34 -2.21
C GLN A 73 -7.23 7.43 -2.90
N LEU A 74 -7.22 7.85 -4.16
CA LEU A 74 -5.96 8.00 -4.83
C LEU A 74 -5.10 9.09 -4.16
N GLN A 75 -5.69 10.23 -3.82
CA GLN A 75 -4.90 11.25 -3.19
C GLN A 75 -4.34 10.76 -1.85
N ASP A 76 -5.16 10.12 -1.02
CA ASP A 76 -4.65 9.65 0.27
C ASP A 76 -3.56 8.61 0.12
N THR A 77 -3.74 7.64 -0.78
CA THR A 77 -2.71 6.64 -0.96
C THR A 77 -1.40 7.24 -1.44
N PHE A 78 -1.45 8.11 -2.44
CA PHE A 78 -0.23 8.72 -2.92
C PHE A 78 0.47 9.53 -1.80
N LEU A 79 -0.29 10.28 -1.02
CA LEU A 79 0.29 11.02 0.10
C LEU A 79 0.87 10.14 1.20
N ARG A 80 0.14 9.09 1.56
CA ARG A 80 0.57 8.26 2.65
C ARG A 80 1.53 7.21 2.32
N ILE A 81 1.46 6.48 1.14
CA ILE A 81 2.29 5.34 0.75
C ILE A 81 3.26 5.56 -0.40
N PRO A 82 4.66 5.71 -0.12
CA PRO A 82 5.66 5.92 -1.14
C PRO A 82 5.80 4.66 -1.88
N LEU A 83 6.15 4.72 -3.19
CA LEU A 83 6.39 3.62 -4.08
C LEU A 83 7.80 3.29 -3.80
N LEU A 84 8.22 2.04 -3.39
CA LEU A 84 9.56 1.66 -3.07
C LEU A 84 10.14 0.91 -4.26
N VAL A 85 11.22 1.39 -4.94
CA VAL A 85 11.82 0.74 -6.08
C VAL A 85 13.09 0.07 -5.59
N GLU A 86 13.24 -1.27 -5.67
CA GLU A 86 14.34 -2.00 -5.21
C GLU A 86 15.29 -2.13 -6.32
N LEU A 87 16.65 -2.03 -6.14
CA LEU A 87 17.65 -2.16 -7.14
C LEU A 87 18.32 -3.46 -6.78
N TRP A 88 18.24 -4.45 -7.66
CA TRP A 88 18.82 -5.72 -7.40
C TRP A 88 19.94 -6.02 -8.36
N HIS A 89 20.89 -6.82 -7.93
CA HIS A 89 21.97 -7.32 -8.75
C HIS A 89 21.53 -8.75 -9.00
N LYS A 90 21.38 -9.16 -10.26
CA LYS A 90 20.90 -10.50 -10.56
C LYS A 90 22.06 -11.44 -10.78
N ASP A 91 21.97 -12.73 -10.34
CA ASP A 91 23.01 -13.76 -10.41
C ASP A 91 22.44 -15.14 -10.06
N ASP A 96 20.98 -13.76 -5.94
CA ASP A 96 20.61 -12.35 -6.21
C ASP A 96 20.74 -11.49 -4.96
N LEU A 97 21.14 -10.19 -5.00
CA LEU A 97 21.30 -9.37 -3.85
C LEU A 97 20.48 -8.11 -3.99
N LEU A 98 19.82 -7.70 -2.92
CA LEU A 98 19.07 -6.47 -2.94
C LEU A 98 20.08 -5.42 -2.48
N LEU A 99 20.60 -4.56 -3.38
CA LEU A 99 21.58 -3.57 -3.13
C LEU A 99 21.04 -2.37 -2.53
N GLY A 100 19.81 -1.81 -2.92
CA GLY A 100 19.25 -0.60 -2.42
C GLY A 100 17.81 -0.34 -2.79
N ILE A 101 17.20 0.64 -2.12
CA ILE A 101 15.82 1.02 -2.38
C ILE A 101 15.67 2.55 -2.52
N ALA A 102 14.92 3.02 -3.53
CA ALA A 102 14.63 4.43 -3.69
C ALA A 102 13.17 4.59 -3.27
N ARG A 103 12.71 5.62 -2.47
CA ARG A 103 11.40 5.89 -1.95
C ARG A 103 10.87 7.01 -2.82
N ILE A 104 9.88 6.73 -3.64
CA ILE A 104 9.36 7.76 -4.49
C ILE A 104 8.03 8.25 -3.89
N GLN A 105 7.89 9.57 -3.71
CA GLN A 105 6.69 10.10 -3.14
C GLN A 105 5.74 10.39 -4.24
N LEU A 106 4.82 9.44 -4.62
CA LEU A 106 3.87 9.62 -5.73
C LEU A 106 2.95 10.82 -5.62
N SER A 107 2.64 11.31 -4.43
CA SER A 107 1.89 12.55 -4.36
C SER A 107 2.56 13.78 -5.00
N ASN A 108 3.90 13.83 -5.31
CA ASN A 108 4.51 14.96 -5.97
C ASN A 108 3.75 15.28 -7.26
N ILE A 109 3.38 14.27 -8.05
CA ILE A 109 2.60 14.53 -9.23
C ILE A 109 1.30 15.26 -8.98
N LEU A 110 0.59 15.08 -7.82
CA LEU A 110 -0.63 15.77 -7.52
C LEU A 110 -0.44 17.25 -7.39
N SER A 111 0.79 17.84 -7.17
CA SER A 111 1.09 19.26 -7.08
C SER A 111 1.39 19.85 -8.44
N SER A 112 1.50 19.00 -9.45
CA SER A 112 1.74 19.43 -10.82
C SER A 112 0.51 20.08 -11.44
N GLU A 113 0.76 20.96 -12.41
CA GLU A 113 -0.31 21.59 -13.16
C GLU A 113 -1.14 20.52 -13.87
N LYS A 114 -2.51 20.54 -13.79
CA LYS A 114 -3.38 19.55 -14.29
C LYS A 114 -4.09 20.26 -15.36
N THR A 115 -3.96 19.88 -16.69
CA THR A 115 -4.54 20.52 -17.88
C THR A 115 -5.20 19.48 -18.79
N ARG A 116 -6.07 19.97 -19.67
N ARG A 116 -6.05 19.98 -19.69
CA ARG A 116 -6.84 19.07 -20.53
CA ARG A 116 -6.83 19.11 -20.56
C ARG A 116 -5.99 18.61 -21.71
C ARG A 116 -5.97 18.61 -21.71
N PHE A 117 -5.90 17.29 -21.85
CA PHE A 117 -5.12 16.61 -22.89
C PHE A 117 -5.97 15.57 -23.59
N LEU A 118 -5.57 15.20 -24.81
CA LEU A 118 -6.03 13.93 -25.37
C LEU A 118 -5.35 12.80 -24.59
N GLY A 119 -6.16 11.96 -23.96
CA GLY A 119 -5.61 10.84 -23.21
C GLY A 119 -5.13 9.69 -24.08
N SER A 120 -4.32 8.84 -23.45
CA SER A 120 -3.67 7.73 -24.14
C SER A 120 -4.68 6.75 -24.74
N ASN A 121 -5.93 6.85 -24.31
CA ASN A 121 -6.96 5.95 -24.84
C ASN A 121 -7.86 6.59 -25.91
N GLY A 122 -7.48 7.79 -26.37
CA GLY A 122 -8.24 8.49 -27.39
C GLY A 122 -9.37 9.34 -26.87
N GLU A 123 -9.47 9.50 -25.56
CA GLU A 123 -10.53 10.32 -24.96
C GLU A 123 -9.89 11.44 -24.16
N GLN A 124 -10.65 12.52 -24.02
CA GLN A 124 -10.16 13.67 -23.28
C GLN A 124 -9.91 13.27 -21.83
N CYS A 125 -8.97 13.96 -21.22
CA CYS A 125 -8.63 13.73 -19.83
C CYS A 125 -7.99 14.98 -19.27
N TRP A 126 -7.90 15.03 -17.93
CA TRP A 126 -7.01 15.95 -17.22
CA TRP A 126 -7.01 15.95 -17.22
C TRP A 126 -5.71 15.22 -16.93
N ARG A 127 -4.60 15.85 -17.25
CA ARG A 127 -3.32 15.18 -17.20
C ARG A 127 -2.36 15.98 -16.35
N GLN A 128 -1.55 15.24 -15.59
CA GLN A 128 -0.42 15.75 -14.81
C GLN A 128 0.77 14.86 -15.12
N THR A 129 1.95 15.46 -15.02
CA THR A 129 3.17 14.70 -15.16
C THR A 129 4.20 15.27 -14.20
N TYR A 130 5.21 14.46 -13.88
CA TYR A 130 6.27 14.87 -12.96
C TYR A 130 7.51 14.03 -13.18
N SER A 131 8.66 14.68 -13.29
CA SER A 131 9.95 14.02 -13.47
C SER A 131 10.95 14.52 -12.46
N GLU A 132 11.85 13.69 -11.83
CA GLU A 132 12.87 14.05 -10.90
C GLU A 132 13.82 12.86 -10.83
N SER A 133 14.91 13.10 -10.12
CA SER A 133 15.84 12.08 -9.78
C SER A 133 15.80 11.93 -8.26
N VAL A 134 15.84 10.69 -7.78
CA VAL A 134 15.84 10.40 -6.37
C VAL A 134 16.96 9.44 -6.11
N PRO A 135 17.57 9.44 -4.82
CA PRO A 135 18.67 8.54 -4.46
C PRO A 135 18.18 7.12 -4.16
N VAL A 136 19.00 6.06 -4.45
CA VAL A 136 18.72 4.69 -4.18
C VAL A 136 19.61 4.52 -2.99
N ILE A 137 19.08 4.22 -1.76
CA ILE A 137 19.75 4.12 -0.47
C ILE A 137 20.05 2.66 -0.20
N ALA A 138 21.28 2.37 0.18
CA ALA A 138 21.66 1.02 0.55
C ALA A 138 20.80 0.54 1.72
N ASN A 143 21.38 2.56 4.09
CA ASN A 143 22.52 3.29 4.63
C ASN A 143 23.03 4.39 3.67
N ASN A 144 24.01 4.10 2.82
CA ASN A 144 24.60 5.12 1.98
CA ASN A 144 24.59 5.14 1.99
C ASN A 144 23.85 5.28 0.66
N ARG A 145 24.21 6.32 -0.08
CA ARG A 145 23.64 6.60 -1.38
C ARG A 145 24.47 5.89 -2.43
N ILE A 146 24.04 4.74 -3.03
CA ILE A 146 24.75 3.98 -4.00
C ILE A 146 24.46 4.29 -5.47
N ALA A 147 23.38 5.00 -5.81
CA ALA A 147 23.03 5.32 -7.16
C ALA A 147 21.93 6.36 -7.10
N ASP A 148 21.50 7.00 -8.24
CA ASP A 148 20.45 7.97 -8.42
C ASP A 148 19.54 7.38 -9.49
N LEU A 149 18.19 7.52 -9.41
CA LEU A 149 17.27 6.93 -10.30
C LEU A 149 16.52 8.09 -10.89
N SER A 150 16.51 8.21 -12.20
CA SER A 150 15.75 9.24 -12.82
C SER A 150 14.51 8.64 -13.27
N TYR A 151 13.27 9.25 -13.10
CA TYR A 151 12.00 8.69 -13.50
C TYR A 151 10.99 9.76 -13.84
N THR A 152 9.96 9.36 -14.57
CA THR A 152 8.89 10.26 -14.88
C THR A 152 7.62 9.57 -14.58
N VAL A 153 6.55 10.18 -13.94
CA VAL A 153 5.23 9.65 -13.72
C VAL A 153 4.21 10.53 -14.42
N THR A 154 3.10 9.90 -14.82
CA THR A 154 2.00 10.58 -15.50
C THR A 154 0.68 10.07 -14.96
N LEU A 155 -0.28 10.98 -14.81
CA LEU A 155 -1.59 10.66 -14.29
C LEU A 155 -2.63 11.26 -15.22
N GLU A 156 -3.45 10.42 -15.82
CA GLU A 156 -4.62 10.84 -16.57
C GLU A 156 -5.87 10.59 -15.74
N ASP A 157 -6.68 11.62 -15.62
CA ASP A 157 -7.97 11.59 -14.94
C ASP A 157 -9.03 11.75 -16.01
N TYR A 158 -9.75 10.67 -16.30
CA TYR A 158 -10.78 10.63 -17.31
C TYR A 158 -12.14 11.04 -16.78
N GLY A 159 -12.21 11.38 -15.51
CA GLY A 159 -13.47 11.81 -14.90
C GLY A 159 -14.25 10.62 -14.36
N LEU A 160 -15.49 10.91 -14.01
CA LEU A 160 -16.40 9.90 -13.50
C LEU A 160 -16.50 8.68 -14.41
N VAL A 161 -16.42 7.50 -13.80
CA VAL A 161 -16.61 6.26 -14.53
C VAL A 161 -17.83 6.36 -15.43
N LYS A 162 -17.69 5.85 -16.65
CA LYS A 162 -18.79 5.87 -17.62
C LYS A 162 -19.93 4.94 -17.21
N MET A 163 -21.14 5.37 -17.52
CA MET A 163 -22.33 4.55 -17.30
C MET A 163 -22.39 3.35 -18.25
N PRO B 2 17.04 -22.34 8.70
CA PRO B 2 16.02 -21.75 9.55
C PRO B 2 16.01 -20.24 9.40
N THR B 3 15.15 -19.77 8.51
CA THR B 3 14.98 -18.35 8.31
C THR B 3 13.63 -17.75 8.73
N SER B 4 12.73 -18.47 9.42
CA SER B 4 11.46 -17.93 9.81
C SER B 4 11.69 -16.97 10.91
N HIS B 5 10.91 -15.85 11.05
CA HIS B 5 10.90 -14.84 12.09
C HIS B 5 9.62 -15.01 12.91
N HIS B 6 9.59 -14.57 14.19
CA HIS B 6 8.46 -14.68 15.00
C HIS B 6 7.98 -13.27 14.94
N PHE B 7 6.71 -13.03 14.59
CA PHE B 7 6.13 -11.76 14.48
C PHE B 7 4.93 -11.71 15.33
N CYS B 8 4.38 -10.49 15.71
CA CYS B 8 3.07 -10.26 16.28
C CYS B 8 2.48 -9.10 15.50
N PHE B 9 1.25 -9.17 14.93
CA PHE B 9 0.60 -8.15 14.21
C PHE B 9 -0.69 -7.89 14.94
N SER B 10 -1.13 -6.66 14.94
CA SER B 10 -2.37 -6.35 15.57
C SER B 10 -3.15 -5.39 14.72
N ILE B 11 -4.46 -5.47 14.79
CA ILE B 11 -5.31 -4.59 14.04
C ILE B 11 -6.37 -4.04 14.98
N ASP B 12 -6.58 -2.74 15.00
CA ASP B 12 -7.60 -2.20 15.83
C ASP B 12 -8.55 -1.48 14.93
N LEU B 13 -9.80 -1.91 14.86
CA LEU B 13 -10.73 -1.23 14.01
C LEU B 13 -11.38 -0.09 14.77
N ARG B 14 -10.82 0.94 14.96
N ARG B 14 -10.82 0.93 14.96
N ARG B 14 -10.82 0.93 14.97
CA ARG B 14 -11.20 1.94 15.96
CA ARG B 14 -11.22 1.92 15.96
CA ARG B 14 -11.22 1.91 15.96
C ARG B 14 -12.62 2.51 15.89
C ARG B 14 -12.62 2.52 15.89
C ARG B 14 -12.61 2.53 15.90
N SER B 15 -13.03 3.01 14.73
CA SER B 15 -14.34 3.59 14.66
C SER B 15 -14.86 3.55 13.28
N ILE B 16 -16.15 3.94 13.03
CA ILE B 16 -16.83 3.96 11.77
C ILE B 16 -17.60 5.28 11.73
N HIS B 17 -17.48 6.00 10.77
N HIS B 17 -17.52 6.00 10.75
CA HIS B 17 -18.22 7.23 10.58
CA HIS B 17 -18.20 7.26 10.58
C HIS B 17 -19.12 7.05 9.36
C HIS B 17 -19.11 7.02 9.36
N ALA B 18 -20.39 6.70 9.62
CA ALA B 18 -21.38 6.42 8.58
C ALA B 18 -21.68 7.61 7.75
N LEU B 19 -21.91 7.38 6.48
CA LEU B 19 -22.08 8.49 5.62
C LEU B 19 -23.31 8.53 4.84
N GLU B 20 -23.63 7.59 3.98
CA GLU B 20 -24.78 7.74 3.16
C GLU B 20 -25.39 6.43 3.30
N ILE B 21 -26.03 6.05 4.49
CA ILE B 21 -26.71 4.87 4.86
C ILE B 21 -28.15 5.27 4.99
N GLY B 22 -29.05 4.56 4.33
CA GLY B 22 -30.44 4.90 4.42
C GLY B 22 -31.22 4.71 5.72
N PHE B 23 -30.64 4.17 6.79
CA PHE B 23 -31.34 3.95 8.06
C PHE B 23 -30.32 3.71 9.16
N PRO B 24 -30.71 3.81 10.43
CA PRO B 24 -29.69 3.53 11.44
C PRO B 24 -29.29 2.05 11.45
N ILE B 25 -28.00 1.66 11.57
CA ILE B 25 -27.60 0.28 11.56
C ILE B 25 -27.19 -0.11 12.98
N ASN B 26 -27.17 -1.41 13.21
CA ASN B 26 -26.85 -2.05 14.46
C ASN B 26 -25.67 -2.79 13.89
N CYS B 27 -24.50 -2.24 14.11
CA CYS B 27 -23.34 -2.67 13.38
C CYS B 27 -22.25 -3.54 13.99
N ILE B 28 -21.74 -4.50 13.21
CA ILE B 28 -20.57 -5.22 13.60
C ILE B 28 -19.65 -5.23 12.38
N LEU B 29 -18.36 -5.25 12.62
CA LEU B 29 -17.39 -5.36 11.55
C LEU B 29 -16.88 -6.76 11.66
N ARG B 30 -16.57 -7.54 10.56
CA ARG B 30 -16.15 -8.92 10.53
C ARG B 30 -15.03 -9.05 9.51
N TYR B 31 -13.97 -9.84 9.73
CA TYR B 31 -12.90 -10.01 8.83
C TYR B 31 -12.21 -11.28 9.21
N SER B 32 -11.48 -11.91 8.25
CA SER B 32 -10.57 -13.06 8.30
C SER B 32 -9.27 -12.71 7.60
N TYR B 33 -8.18 -13.33 8.04
CA TYR B 33 -6.88 -13.21 7.37
C TYR B 33 -6.13 -14.49 7.69
N PRO B 34 -6.48 -15.59 7.00
CA PRO B 34 -5.99 -16.91 7.39
C PRO B 34 -4.49 -17.08 7.32
N PHE B 35 -3.74 -16.21 6.66
CA PHE B 35 -2.29 -16.34 6.71
C PHE B 35 -1.80 -16.36 8.16
N PHE B 36 -2.33 -15.46 8.97
CA PHE B 36 -1.96 -15.55 10.35
C PHE B 36 -2.38 -16.82 11.05
N GLY B 37 -3.26 -17.77 10.53
CA GLY B 37 -3.76 -18.97 11.17
C GLY B 37 -5.23 -19.15 10.85
N SER B 38 -5.63 -20.36 10.49
CA SER B 38 -7.02 -20.60 10.13
C SER B 38 -7.91 -20.34 11.31
N ALA B 39 -8.97 -19.56 11.08
CA ALA B 39 -9.88 -19.17 12.14
C ALA B 39 -11.23 -18.77 11.56
N ALA B 40 -12.28 -19.05 12.32
CA ALA B 40 -13.58 -18.44 12.11
C ALA B 40 -13.38 -16.93 12.05
N PRO B 41 -14.21 -16.19 11.31
CA PRO B 41 -14.06 -14.73 11.26
C PRO B 41 -14.09 -14.08 12.63
N ILE B 42 -13.27 -13.01 12.90
CA ILE B 42 -13.06 -12.25 14.10
C ILE B 42 -14.01 -11.16 13.92
N MET B 43 -14.82 -10.74 14.95
CA MET B 43 -15.92 -9.79 14.91
C MET B 43 -15.86 -8.84 16.08
N THR B 44 -16.32 -7.56 15.92
CA THR B 44 -16.48 -6.59 16.96
C THR B 44 -17.75 -7.06 17.61
N ASN B 45 -18.01 -6.69 18.89
CA ASN B 45 -19.09 -7.18 19.72
C ASN B 45 -19.22 -6.34 20.98
N PRO B 46 -20.48 -5.95 21.50
CA PRO B 46 -21.84 -6.14 20.96
C PRO B 46 -22.06 -5.29 19.67
N PRO B 47 -23.14 -5.56 18.93
CA PRO B 47 -23.43 -4.64 17.83
C PRO B 47 -23.69 -3.22 18.38
N VAL B 48 -23.28 -2.20 17.66
CA VAL B 48 -23.48 -0.84 18.13
C VAL B 48 -24.26 -0.01 17.13
N GLU B 49 -25.13 0.85 17.61
CA GLU B 49 -25.91 1.64 16.71
C GLU B 49 -25.08 2.74 16.10
N VAL B 50 -25.21 2.97 14.80
CA VAL B 50 -24.45 4.01 14.17
C VAL B 50 -25.43 4.70 13.34
N ARG B 51 -25.61 6.08 13.33
CA ARG B 51 -26.52 6.84 12.54
C ARG B 51 -25.68 7.72 11.61
N LYS B 52 -26.35 8.35 10.68
CA LYS B 52 -25.74 9.19 9.68
C LYS B 52 -24.97 10.39 10.25
N ASN B 53 -23.88 10.78 9.60
CA ASN B 53 -23.09 11.95 10.03
C ASN B 53 -22.67 11.92 11.51
N MET B 54 -22.18 10.78 11.97
CA MET B 54 -21.80 10.55 13.34
C MET B 54 -20.61 9.58 13.40
N GLU B 55 -19.75 9.70 14.41
CA GLU B 55 -18.65 8.76 14.55
C GLU B 55 -18.93 7.84 15.74
N VAL B 56 -18.87 6.48 15.65
CA VAL B 56 -19.15 5.58 16.72
C VAL B 56 -17.94 4.72 16.82
N PHE B 57 -17.35 4.49 18.03
CA PHE B 57 -16.19 3.66 18.37
C PHE B 57 -16.62 2.23 18.61
N LEU B 58 -15.93 1.17 18.10
CA LEU B 58 -16.40 -0.16 18.10
C LEU B 58 -15.90 -0.92 19.26
N PRO B 59 -16.79 -1.66 19.87
CA PRO B 59 -16.32 -2.44 20.99
C PRO B 59 -15.69 -3.74 20.50
N GLN B 60 -14.76 -4.26 21.27
CA GLN B 60 -14.05 -5.48 20.94
C GLN B 60 -13.47 -5.36 19.53
N SER B 61 -12.78 -4.25 19.25
CA SER B 61 -12.21 -4.01 17.97
C SER B 61 -10.70 -4.29 17.82
N TYR B 62 -9.99 -4.77 18.86
CA TYR B 62 -8.60 -5.03 18.76
C TYR B 62 -8.32 -6.53 18.76
N CYS B 63 -7.46 -7.00 17.88
CA CYS B 63 -7.09 -8.38 17.95
C CYS B 63 -5.64 -8.49 17.54
N ALA B 64 -4.88 -9.34 18.23
CA ALA B 64 -3.49 -9.53 17.94
C ALA B 64 -3.30 -10.95 17.48
N PHE B 65 -2.30 -11.13 16.64
CA PHE B 65 -2.06 -12.44 16.08
C PHE B 65 -0.61 -12.70 16.17
N ASP B 66 -0.11 -13.84 16.79
CA ASP B 66 1.26 -14.29 16.97
C ASP B 66 1.54 -15.43 15.98
N PHE B 67 2.59 -15.29 15.17
CA PHE B 67 2.84 -16.31 14.16
C PHE B 67 4.31 -16.27 13.78
N ALA B 68 4.77 -17.36 13.16
CA ALA B 68 6.13 -17.45 12.65
C ALA B 68 6.07 -17.71 11.16
N THR B 69 6.91 -17.09 10.28
CA THR B 69 6.90 -17.23 8.86
C THR B 69 8.15 -16.52 8.36
N MET B 70 8.56 -16.84 7.16
CA MET B 70 9.70 -16.20 6.57
C MET B 70 9.28 -14.78 6.24
N PRO B 71 10.18 -13.80 6.45
CA PRO B 71 9.81 -12.41 6.14
C PRO B 71 9.25 -12.20 4.71
N HIS B 72 9.84 -12.84 3.71
CA HIS B 72 9.30 -12.70 2.36
C HIS B 72 7.85 -13.22 2.28
N GLN B 73 7.48 -14.29 2.97
CA GLN B 73 6.08 -14.71 2.93
C GLN B 73 5.15 -13.66 3.51
N LEU B 74 5.52 -13.10 4.65
CA LEU B 74 4.73 -12.03 5.20
C LEU B 74 4.74 -10.83 4.29
N GLN B 75 5.88 -10.36 3.71
CA GLN B 75 5.77 -9.12 2.74
CA GLN B 75 5.77 -9.12 2.74
C GLN B 75 4.87 -9.38 1.37
N ASP B 76 5.06 -10.61 0.85
CA ASP B 76 4.29 -11.01 -0.33
C ASP B 76 2.80 -11.08 -0.02
N THR B 77 2.41 -11.70 1.08
CA THR B 77 1.00 -11.77 1.39
C THR B 77 0.38 -10.39 1.63
N PHE B 78 1.06 -9.54 2.40
CA PHE B 78 0.56 -8.21 2.65
C PHE B 78 0.49 -7.43 1.32
N LEU B 79 1.50 -7.51 0.49
CA LEU B 79 1.42 -6.85 -0.80
C LEU B 79 0.35 -7.38 -1.69
N ARG B 80 0.22 -8.71 -1.76
CA ARG B 80 -0.72 -9.24 -2.68
C ARG B 80 -2.11 -9.33 -2.25
N ILE B 81 -2.48 -9.67 -0.94
CA ILE B 81 -3.81 -9.94 -0.43
C ILE B 81 -4.37 -8.91 0.54
N PRO B 82 -5.35 -8.11 0.09
CA PRO B 82 -5.88 -7.17 1.06
C PRO B 82 -6.71 -7.85 2.15
N LEU B 83 -6.88 -7.21 3.33
CA LEU B 83 -7.67 -7.69 4.41
C LEU B 83 -8.96 -7.09 4.11
N LEU B 84 -10.10 -7.84 3.95
CA LEU B 84 -11.43 -7.41 3.56
C LEU B 84 -12.29 -7.35 4.83
N VAL B 85 -12.65 -6.15 5.41
CA VAL B 85 -13.40 -5.98 6.61
C VAL B 85 -14.78 -5.68 6.17
N GLU B 86 -15.80 -6.51 6.52
CA GLU B 86 -17.21 -6.46 6.17
C GLU B 86 -18.01 -5.71 7.23
N LEU B 87 -19.01 -4.83 6.88
CA LEU B 87 -19.83 -4.06 7.72
C LEU B 87 -21.17 -4.75 7.59
N TRP B 88 -21.68 -5.28 8.69
CA TRP B 88 -22.92 -5.99 8.70
C TRP B 88 -23.91 -5.29 9.60
N HIS B 89 -25.18 -5.38 9.25
CA HIS B 89 -26.22 -4.84 10.07
C HIS B 89 -26.86 -6.10 10.67
N LYS B 90 -26.86 -6.24 11.98
CA LYS B 90 -27.39 -7.45 12.61
C LYS B 90 -28.80 -7.17 13.04
N ASP B 91 -29.75 -8.18 13.03
CA ASP B 91 -31.13 -8.14 13.46
C ASP B 91 -31.55 -9.53 13.93
N ASP B 96 -29.55 -10.90 9.01
CA ASP B 96 -28.36 -10.05 8.99
C ASP B 96 -28.05 -9.61 7.57
N LEU B 97 -27.56 -8.39 7.44
CA LEU B 97 -27.43 -7.77 6.12
C LEU B 97 -26.00 -7.30 5.95
N LEU B 98 -25.33 -7.79 4.89
CA LEU B 98 -24.00 -7.29 4.55
C LEU B 98 -24.14 -5.96 3.82
N LEU B 99 -23.82 -4.78 4.44
CA LEU B 99 -23.94 -3.53 3.89
C LEU B 99 -22.77 -3.13 3.07
N GLY B 100 -21.44 -3.52 3.32
CA GLY B 100 -20.33 -3.02 2.54
C GLY B 100 -19.04 -3.67 3.00
N ILE B 101 -18.00 -3.46 2.22
CA ILE B 101 -16.69 -4.03 2.50
C ILE B 101 -15.64 -2.94 2.35
N ALA B 102 -14.71 -2.87 3.32
CA ALA B 102 -13.55 -2.01 3.22
C ALA B 102 -12.34 -2.86 2.87
N ARG B 103 -11.43 -2.50 1.90
CA ARG B 103 -10.27 -3.24 1.51
C ARG B 103 -9.11 -2.51 2.14
N ILE B 104 -8.46 -3.03 3.20
CA ILE B 104 -7.37 -2.38 3.82
C ILE B 104 -6.19 -3.03 3.23
N GLN B 105 -5.17 -2.29 2.67
CA GLN B 105 -3.96 -2.77 2.09
C GLN B 105 -2.96 -2.91 3.22
N LEU B 106 -2.76 -4.11 3.81
CA LEU B 106 -1.91 -4.34 4.90
C LEU B 106 -0.50 -4.02 4.58
N SER B 107 0.06 -4.11 3.30
CA SER B 107 1.43 -3.72 3.06
C SER B 107 1.71 -2.26 3.36
N ASN B 108 0.74 -1.32 3.52
CA ASN B 108 1.05 0.04 3.86
C ASN B 108 1.92 0.12 5.11
N ILE B 109 1.62 -0.68 6.12
CA ILE B 109 2.49 -0.71 7.27
C ILE B 109 3.94 -1.05 6.94
N LEU B 110 4.25 -1.89 5.90
CA LEU B 110 5.62 -2.21 5.57
C LEU B 110 6.43 -1.04 5.12
N SER B 111 5.84 0.13 4.63
CA SER B 111 6.50 1.36 4.25
C SER B 111 6.74 2.26 5.44
N SER B 112 6.17 1.90 6.59
CA SER B 112 6.36 2.69 7.81
C SER B 112 7.76 2.53 8.37
N GLU B 113 8.31 3.52 9.16
CA GLU B 113 9.61 3.48 9.74
C GLU B 113 9.65 2.33 10.72
N LYS B 114 10.72 1.52 10.81
CA LYS B 114 10.73 0.36 11.61
C LYS B 114 11.80 0.66 12.53
N THR B 115 11.58 0.78 13.88
CA THR B 115 12.54 1.16 14.91
C THR B 115 12.42 0.22 16.07
N ARG B 116 13.45 0.12 16.96
CA ARG B 116 13.56 -0.82 18.06
C ARG B 116 12.68 -0.38 19.23
N PHE B 117 11.78 -1.22 19.79
CA PHE B 117 10.86 -0.91 20.79
C PHE B 117 10.81 -2.11 21.65
N LEU B 118 10.46 -1.97 22.95
CA LEU B 118 10.06 -3.08 23.81
C LEU B 118 8.77 -3.65 23.26
N GLY B 119 8.80 -4.92 22.92
CA GLY B 119 7.65 -5.59 22.37
C GLY B 119 6.59 -5.93 23.41
N SER B 120 5.38 -6.18 22.91
CA SER B 120 4.25 -6.51 23.78
C SER B 120 4.50 -7.74 24.65
N ASN B 121 5.24 -8.71 24.13
CA ASN B 121 5.64 -9.83 24.97
C ASN B 121 6.81 -9.61 25.95
N GLY B 122 7.39 -8.36 26.15
CA GLY B 122 8.47 -8.03 27.05
C GLY B 122 9.85 -8.28 26.49
N GLU B 123 10.00 -8.62 25.20
CA GLU B 123 11.29 -8.83 24.63
C GLU B 123 11.44 -7.77 23.58
N GLN B 124 12.67 -7.44 23.14
CA GLN B 124 12.95 -6.38 22.22
C GLN B 124 12.45 -6.76 20.87
N CYS B 125 12.03 -5.78 20.09
CA CYS B 125 11.59 -6.10 18.78
C CYS B 125 11.77 -4.90 17.88
N TRP B 126 11.75 -5.15 16.56
CA TRP B 126 11.73 -3.94 15.55
CA TRP B 126 11.75 -3.94 15.51
C TRP B 126 10.17 -3.78 15.11
N ARG B 127 9.67 -2.57 15.34
CA ARG B 127 8.24 -2.31 15.28
C ARG B 127 7.84 -1.24 14.25
N GLN B 128 6.69 -1.44 13.60
CA GLN B 128 6.13 -0.50 12.66
C GLN B 128 4.66 -0.34 13.03
N THR B 129 4.12 0.82 12.75
CA THR B 129 2.72 1.04 13.02
C THR B 129 2.17 1.84 11.92
N TYR B 130 0.82 1.85 11.61
CA TYR B 130 0.21 2.60 10.54
C TYR B 130 -1.26 2.82 10.85
N SER B 131 -1.71 4.04 10.69
CA SER B 131 -3.10 4.42 10.91
C SER B 131 -3.63 5.21 9.73
N GLU B 132 -4.87 5.08 9.26
CA GLU B 132 -5.48 5.82 8.23
C GLU B 132 -6.91 5.46 8.38
N SER B 133 -7.80 6.11 7.58
CA SER B 133 -9.21 5.81 7.33
C SER B 133 -9.39 5.35 5.89
N VAL B 134 -10.28 4.38 5.58
CA VAL B 134 -10.53 3.86 4.31
C VAL B 134 -12.01 3.76 4.21
N PRO B 135 -12.58 3.89 2.94
CA PRO B 135 -14.02 3.85 2.70
C PRO B 135 -14.55 2.42 2.76
N VAL B 136 -15.84 2.21 3.17
CA VAL B 136 -16.54 0.97 3.20
C VAL B 136 -17.38 1.19 1.94
N ILE B 137 -17.28 0.29 0.96
CA ILE B 137 -17.98 0.42 -0.29
C ILE B 137 -19.14 -0.54 -0.32
N ALA B 138 -20.34 -0.09 -0.70
CA ALA B 138 -21.54 -0.92 -0.73
C ALA B 138 -21.32 -2.29 -1.36
N ASN B 143 -21.20 -0.38 -4.80
CA ASN B 143 -20.73 0.75 -5.56
C ASN B 143 -20.47 1.99 -4.70
N ASN B 144 -21.46 2.40 -3.91
CA ASN B 144 -21.41 3.60 -3.09
C ASN B 144 -20.50 3.56 -1.85
N ARG B 145 -20.00 4.73 -1.44
CA ARG B 145 -19.19 4.83 -0.24
C ARG B 145 -20.21 4.98 0.86
N ILE B 146 -20.51 3.91 1.57
CA ILE B 146 -21.50 3.96 2.61
C ILE B 146 -21.05 4.41 3.99
N ALA B 147 -19.74 4.42 4.33
CA ALA B 147 -19.18 4.88 5.58
C ALA B 147 -17.69 4.92 5.43
N ASP B 148 -16.88 5.49 6.40
CA ASP B 148 -15.43 5.47 6.50
C ASP B 148 -15.06 4.69 7.75
N LEU B 149 -13.97 3.88 7.78
CA LEU B 149 -13.63 3.03 8.86
C LEU B 149 -12.28 3.47 9.19
N SER B 150 -11.93 3.91 10.46
CA SER B 150 -10.64 4.35 10.93
C SER B 150 -9.99 3.20 11.69
N TYR B 151 -8.70 2.83 11.46
CA TYR B 151 -8.05 1.72 12.06
C TYR B 151 -6.57 1.95 12.22
N THR B 152 -5.96 1.14 13.07
CA THR B 152 -4.55 1.18 13.28
C THR B 152 -3.97 -0.23 13.20
N VAL B 153 -2.84 -0.40 12.50
CA VAL B 153 -2.19 -1.67 12.46
C VAL B 153 -0.77 -1.54 13.02
N THR B 154 -0.33 -2.54 13.73
CA THR B 154 0.98 -2.54 14.31
C THR B 154 1.60 -3.83 13.99
N LEU B 155 2.95 -3.95 13.72
CA LEU B 155 3.72 -5.14 13.40
C LEU B 155 4.96 -5.15 14.26
N GLU B 156 5.11 -6.18 15.09
CA GLU B 156 6.35 -6.42 15.83
C GLU B 156 7.12 -7.58 15.19
N ASP B 157 8.38 -7.34 14.91
CA ASP B 157 9.30 -8.33 14.35
C ASP B 157 10.31 -8.66 15.44
N TYR B 158 10.22 -9.82 16.16
CA TYR B 158 11.13 -10.29 17.14
C TYR B 158 12.38 -11.01 16.60
N GLY B 159 12.65 -11.03 15.27
CA GLY B 159 13.83 -11.68 14.75
C GLY B 159 13.56 -13.14 14.48
N LEU B 160 14.59 -13.92 14.07
CA LEU B 160 14.53 -15.32 13.84
C LEU B 160 13.96 -16.03 15.04
N VAL B 161 13.17 -17.07 14.80
CA VAL B 161 12.55 -17.80 15.88
C VAL B 161 13.62 -18.41 16.79
N LYS B 162 13.34 -18.39 18.09
CA LYS B 162 14.29 -18.87 19.07
C LYS B 162 14.58 -20.36 18.96
N MET B 163 15.80 -20.75 19.33
CA MET B 163 16.23 -22.13 19.32
C MET B 163 15.70 -22.84 20.56
#